data_5YGF
#
_entry.id   5YGF
#
_cell.length_a   72.699
_cell.length_b   72.699
_cell.length_c   50.381
_cell.angle_alpha   90.00
_cell.angle_beta   90.00
_cell.angle_gamma   90.00
#
_symmetry.space_group_name_H-M   'P 41'
#
loop_
_entity.id
_entity.type
_entity.pdbx_description
1 polymer GH18329p
2 polymer ASP-GLN-GLY-ARG-GLY-ARG-ARG-ARG-PRO
3 water water
#
loop_
_entity_poly.entity_id
_entity_poly.type
_entity_poly.pdbx_seq_one_letter_code
_entity_poly.pdbx_strand_id
1 'polypeptide(L)'
;GSKPMEVYVSAVASPTKFWVQLIGPQSKKLASMVQEMTSYYSSAENRAKHVLTAPYVGQIVAAVFKFDEKWYRAEIVDIM
PNQYNPKEQVIDLYFVDYGDSEYISPADICELRTDFLTLRFQAVECFLANVKSTIQTEPITWPKSSIAKFEELTEVAHWR
KLIARVVTYKERPRATTAVSAAAKEGTPLPGVELFDPADNSELNIADLMITQGFALPLDDSYP
;
A
2 'polypeptide(L)' DQGRGRRRP D
#
# COMPACT_ATOMS: atom_id res chain seq x y z
N SER A 2 6.09 -22.04 -6.77
CA SER A 2 7.09 -21.37 -5.95
C SER A 2 6.73 -21.49 -4.47
N LYS A 3 7.66 -21.12 -3.60
CA LYS A 3 7.53 -21.37 -2.17
C LYS A 3 6.63 -20.34 -1.45
N PRO A 4 5.93 -20.80 -0.40
CA PRO A 4 5.10 -19.92 0.42
C PRO A 4 5.95 -18.92 1.20
N MET A 5 5.36 -17.80 1.59
CA MET A 5 6.10 -16.76 2.28
C MET A 5 5.19 -16.11 3.32
N GLU A 6 5.76 -15.74 4.46
CA GLU A 6 4.97 -15.06 5.48
C GLU A 6 4.84 -13.59 5.14
N VAL A 7 3.62 -13.05 5.23
CA VAL A 7 3.39 -11.66 4.86
C VAL A 7 2.41 -11.00 5.83
N TYR A 8 2.41 -9.68 5.83
CA TYR A 8 1.28 -8.89 6.34
C TYR A 8 0.56 -8.31 5.14
N VAL A 9 -0.77 -8.24 5.19
CA VAL A 9 -1.48 -7.37 4.23
C VAL A 9 -1.47 -5.97 4.82
N SER A 10 -0.83 -5.03 4.12
CA SER A 10 -0.56 -3.71 4.69
C SER A 10 -1.53 -2.62 4.22
N ALA A 11 -2.18 -2.86 3.10
CA ALA A 11 -3.16 -1.92 2.56
C ALA A 11 -4.10 -2.66 1.60
N VAL A 12 -5.33 -2.19 1.49
CA VAL A 12 -6.31 -2.82 0.64
C VAL A 12 -7.06 -1.78 -0.19
N ALA A 13 -7.17 -2.04 -1.49
CA ALA A 13 -8.13 -1.35 -2.32
C ALA A 13 -9.32 -2.27 -2.58
N SER A 14 -9.03 -3.52 -2.93
CA SER A 14 -10.06 -4.53 -3.16
C SER A 14 -9.41 -5.93 -3.11
N PRO A 15 -10.20 -7.02 -3.21
CA PRO A 15 -9.56 -8.34 -3.24
C PRO A 15 -8.63 -8.55 -4.42
N THR A 16 -8.82 -7.79 -5.49
CA THR A 16 -7.95 -7.93 -6.65
C THR A 16 -6.98 -6.74 -6.78
N LYS A 17 -6.86 -5.95 -5.72
CA LYS A 17 -5.79 -4.95 -5.60
C LYS A 17 -5.48 -4.67 -4.16
N PHE A 18 -4.44 -5.33 -3.64
CA PHE A 18 -4.02 -5.05 -2.28
C PHE A 18 -2.51 -5.14 -2.19
N TRP A 19 -1.94 -4.81 -1.04
CA TRP A 19 -0.50 -4.79 -0.91
C TRP A 19 -0.04 -5.67 0.23
N VAL A 20 1.06 -6.40 0.01
CA VAL A 20 1.66 -7.17 1.09
C VAL A 20 3.08 -6.68 1.43
N GLN A 21 3.48 -6.92 2.69
CA GLN A 21 4.84 -6.74 3.16
C GLN A 21 5.39 -8.11 3.56
N LEU A 22 6.63 -8.42 3.18
CA LEU A 22 7.18 -9.71 3.56
C LEU A 22 7.77 -9.62 4.95
N ILE A 23 7.54 -10.66 5.73
CA ILE A 23 8.01 -10.73 7.11
C ILE A 23 9.41 -11.32 7.12
N GLY A 24 10.30 -10.71 7.89
CA GLY A 24 11.66 -11.22 7.98
C GLY A 24 12.60 -10.10 8.35
N PRO A 25 13.88 -10.24 7.99
CA PRO A 25 14.84 -9.15 8.25
C PRO A 25 14.29 -7.80 7.77
N GLN A 26 13.71 -7.81 6.58
CA GLN A 26 13.27 -6.56 5.98
C GLN A 26 12.08 -5.94 6.71
N SER A 27 11.19 -6.73 7.29
CA SER A 27 10.07 -6.14 8.01
C SER A 27 10.53 -5.55 9.36
N LYS A 28 11.51 -6.20 9.96
CA LYS A 28 12.08 -5.70 11.20
C LYS A 28 12.77 -4.36 10.93
N LYS A 29 13.55 -4.33 9.83
CA LYS A 29 14.21 -3.11 9.40
C LYS A 29 13.24 -2.01 9.02
N LEU A 30 12.12 -2.37 8.41
CA LEU A 30 11.07 -1.39 8.13
C LEU A 30 10.52 -0.81 9.43
N ALA A 31 10.22 -1.66 10.41
CA ALA A 31 9.66 -1.14 11.65
C ALA A 31 10.65 -0.17 12.32
N SER A 32 11.92 -0.56 12.30
CA SER A 32 12.98 0.28 12.84
C SER A 32 13.08 1.60 12.09
N MET A 33 12.89 1.55 10.78
CA MET A 33 13.00 2.75 9.95
C MET A 33 11.83 3.68 10.20
N VAL A 34 10.64 3.13 10.43
CA VAL A 34 9.48 3.95 10.75
C VAL A 34 9.70 4.64 12.09
N GLN A 35 10.28 3.89 13.04
CA GLN A 35 10.65 4.49 14.31
C GLN A 35 11.65 5.64 14.15
N GLU A 36 12.75 5.38 13.45
CA GLU A 36 13.82 6.35 13.32
C GLU A 36 13.36 7.59 12.55
N MET A 37 12.65 7.37 11.44
CA MET A 37 12.12 8.48 10.67
C MET A 37 11.15 9.30 11.49
N THR A 38 10.30 8.63 12.26
CA THR A 38 9.32 9.36 13.07
C THR A 38 10.03 10.20 14.15
N SER A 39 11.03 9.62 14.81
CA SER A 39 11.77 10.37 15.83
CA SER A 39 11.79 10.36 15.83
C SER A 39 12.52 11.55 15.19
N TYR A 40 13.14 11.31 14.06
CA TYR A 40 13.96 12.29 13.36
C TYR A 40 13.14 13.47 12.89
N TYR A 41 12.12 13.21 12.07
CA TYR A 41 11.36 14.29 11.47
C TYR A 41 10.38 14.94 12.44
N SER A 42 10.41 14.52 13.70
CA SER A 42 9.55 15.14 14.69
C SER A 42 10.19 16.43 15.20
N SER A 43 11.44 16.66 14.82
CA SER A 43 12.17 17.86 15.23
C SER A 43 12.21 18.93 14.14
N ALA A 44 11.82 20.16 14.48
CA ALA A 44 11.79 21.25 13.52
C ALA A 44 13.15 21.55 12.91
N GLU A 45 14.21 21.43 13.70
CA GLU A 45 15.57 21.64 13.18
C GLU A 45 15.87 20.62 12.08
N ASN A 46 15.55 19.36 12.37
CA ASN A 46 15.76 18.31 11.41
C ASN A 46 14.89 18.53 10.17
N ARG A 47 13.67 18.99 10.35
CA ARG A 47 12.80 19.23 9.21
C ARG A 47 13.33 20.37 8.35
N ALA A 48 13.94 21.37 8.98
CA ALA A 48 14.49 22.50 8.26
C ALA A 48 15.74 22.09 7.51
N LYS A 49 16.41 21.05 7.99
CA LYS A 49 17.51 20.48 7.22
C LYS A 49 17.03 19.91 5.88
N HIS A 50 15.72 19.68 5.76
CA HIS A 50 15.13 18.95 4.63
C HIS A 50 13.87 19.61 4.05
N VAL A 51 13.82 20.94 4.07
CA VAL A 51 12.65 21.64 3.58
C VAL A 51 12.42 21.36 2.09
N LEU A 52 11.16 21.07 1.78
CA LEU A 52 10.71 20.74 0.44
C LEU A 52 10.56 22.01 -0.38
N THR A 53 11.14 22.04 -1.56
CA THR A 53 10.96 23.14 -2.50
C THR A 53 10.71 22.58 -3.90
N ALA A 54 9.73 23.15 -4.60
CA ALA A 54 9.44 22.75 -5.97
C ALA A 54 9.37 21.24 -6.17
N PRO A 55 8.44 20.59 -5.47
CA PRO A 55 8.33 19.13 -5.61
C PRO A 55 7.92 18.70 -7.03
N TYR A 56 8.24 17.47 -7.40
CA TYR A 56 7.92 16.99 -8.75
C TYR A 56 7.45 15.55 -8.72
N VAL A 57 6.70 15.16 -9.75
CA VAL A 57 6.17 13.81 -9.84
C VAL A 57 7.31 12.81 -9.99
N GLY A 58 7.27 11.77 -9.16
CA GLY A 58 8.31 10.76 -9.14
C GLY A 58 9.27 10.92 -7.97
N GLN A 59 9.25 12.09 -7.36
CA GLN A 59 10.12 12.36 -6.21
C GLN A 59 9.78 11.46 -5.03
N ILE A 60 10.82 10.93 -4.38
CA ILE A 60 10.64 10.16 -3.15
C ILE A 60 10.89 11.05 -1.94
N VAL A 61 9.89 11.17 -1.07
CA VAL A 61 9.91 12.12 0.05
C VAL A 61 9.56 11.46 1.38
N ALA A 62 9.65 12.24 2.45
CA ALA A 62 9.15 11.86 3.77
C ALA A 62 7.82 12.56 4.00
N ALA A 63 6.84 11.87 4.57
CA ALA A 63 5.56 12.52 4.81
C ALA A 63 4.90 12.01 6.08
N VAL A 64 4.14 12.89 6.74
CA VAL A 64 3.38 12.50 7.93
C VAL A 64 2.09 11.83 7.57
N PHE A 65 1.84 10.69 8.20
CA PHE A 65 0.59 9.99 8.00
C PHE A 65 -0.38 10.49 9.07
N LYS A 66 -1.46 11.11 8.64
CA LYS A 66 -2.41 11.76 9.55
C LYS A 66 -2.94 10.81 10.61
N PHE A 67 -3.11 9.54 10.24
CA PHE A 67 -3.79 8.58 11.10
C PHE A 67 -2.93 8.01 12.23
N ASP A 68 -1.63 8.28 12.24
CA ASP A 68 -0.81 7.85 13.38
C ASP A 68 0.34 8.81 13.70
N GLU A 69 0.38 9.94 12.99
CA GLU A 69 1.42 10.95 13.18
C GLU A 69 2.84 10.39 13.08
N LYS A 70 2.99 9.31 12.30
CA LYS A 70 4.31 8.75 12.06
C LYS A 70 4.79 9.15 10.66
N TRP A 71 6.11 9.12 10.46
CA TRP A 71 6.68 9.55 9.19
C TRP A 71 6.99 8.36 8.31
N TYR A 72 6.64 8.48 7.03
CA TYR A 72 6.79 7.39 6.07
C TYR A 72 7.46 7.83 4.77
N ARG A 73 8.08 6.89 4.08
CA ARG A 73 8.56 7.16 2.73
C ARG A 73 7.38 7.20 1.76
N ALA A 74 7.37 8.15 0.84
CA ALA A 74 6.27 8.26 -0.11
C ALA A 74 6.76 8.72 -1.48
N GLU A 75 6.03 8.34 -2.50
CA GLU A 75 6.32 8.75 -3.87
C GLU A 75 5.29 9.76 -4.32
N ILE A 76 5.73 10.86 -4.91
CA ILE A 76 4.77 11.83 -5.43
C ILE A 76 4.24 11.29 -6.75
N VAL A 77 2.96 10.99 -6.78
CA VAL A 77 2.32 10.42 -7.96
C VAL A 77 1.66 11.50 -8.81
N ASP A 78 1.23 12.58 -8.18
CA ASP A 78 0.59 13.68 -8.90
C ASP A 78 0.64 14.96 -8.07
N ILE A 79 0.60 16.10 -8.75
CA ILE A 79 0.60 17.42 -8.13
C ILE A 79 -0.44 18.29 -8.83
N MET A 80 -1.38 18.83 -8.07
CA MET A 80 -2.40 19.69 -8.68
C MET A 80 -2.61 20.95 -7.84
N PRO A 81 -3.12 22.02 -8.47
CA PRO A 81 -3.36 23.22 -7.68
C PRO A 81 -4.45 22.99 -6.65
N ASN A 82 -4.30 23.58 -5.49
CA ASN A 82 -5.38 23.62 -4.53
C ASN A 82 -6.52 24.43 -5.15
N GLN A 83 -7.74 23.90 -5.12
CA GLN A 83 -8.84 24.57 -5.80
C GLN A 83 -9.41 25.76 -5.02
N TYR A 84 -9.24 25.74 -3.70
CA TYR A 84 -9.60 26.89 -2.86
C TYR A 84 -8.57 27.96 -2.94
N ASN A 85 -7.35 27.52 -3.17
CA ASN A 85 -6.18 28.30 -2.85
C ASN A 85 -5.05 28.04 -3.83
N PRO A 86 -5.12 28.70 -5.00
CA PRO A 86 -4.23 28.46 -6.14
C PRO A 86 -2.75 28.68 -5.88
N LYS A 87 -2.42 29.24 -4.73
CA LYS A 87 -1.04 29.55 -4.40
C LYS A 87 -0.38 28.32 -3.78
N GLU A 88 -1.20 27.35 -3.42
CA GLU A 88 -0.70 26.10 -2.87
C GLU A 88 -0.97 24.98 -3.85
N GLN A 89 -0.36 23.83 -3.58
CA GLN A 89 -0.62 22.63 -4.35
C GLN A 89 -1.18 21.55 -3.42
N VAL A 90 -1.81 20.54 -4.01
CA VAL A 90 -2.20 19.33 -3.30
C VAL A 90 -1.48 18.16 -3.94
N ILE A 91 -0.89 17.30 -3.12
CA ILE A 91 -0.02 16.23 -3.59
C ILE A 91 -0.71 14.89 -3.45
N ASP A 92 -0.68 14.11 -4.52
CA ASP A 92 -1.14 12.72 -4.47
C ASP A 92 0.08 11.85 -4.11
N LEU A 93 0.06 11.25 -2.91
CA LEU A 93 1.17 10.44 -2.42
C LEU A 93 0.86 8.96 -2.40
N TYR A 94 1.86 8.15 -2.76
CA TYR A 94 1.80 6.69 -2.63
C TYR A 94 2.81 6.28 -1.57
N PHE A 95 2.37 5.62 -0.50
CA PHE A 95 3.29 5.23 0.57
C PHE A 95 4.00 3.94 0.19
N VAL A 96 5.25 4.07 -0.23
CA VAL A 96 5.93 2.99 -0.93
C VAL A 96 6.14 1.73 -0.08
N ASP A 97 6.14 1.86 1.25
CA ASP A 97 6.34 0.68 2.10
C ASP A 97 5.04 0.01 2.58
N TYR A 98 3.90 0.65 2.36
CA TYR A 98 2.61 0.13 2.83
C TYR A 98 1.57 -0.07 1.71
N GLY A 99 1.59 0.81 0.70
CA GLY A 99 0.81 0.59 -0.50
C GLY A 99 -0.43 1.46 -0.61
N ASP A 100 -0.78 2.12 0.49
CA ASP A 100 -1.93 3.03 0.47
C ASP A 100 -1.56 4.35 -0.17
N SER A 101 -2.57 5.11 -0.55
CA SER A 101 -2.37 6.44 -1.11
C SER A 101 -3.15 7.48 -0.35
N GLU A 102 -2.60 8.68 -0.23
CA GLU A 102 -3.33 9.78 0.43
C GLU A 102 -3.09 11.08 -0.30
N TYR A 103 -4.04 12.00 -0.23
CA TYR A 103 -3.79 13.36 -0.71
C TYR A 103 -3.32 14.20 0.47
N ILE A 104 -2.28 14.99 0.25
CA ILE A 104 -1.61 15.68 1.33
C ILE A 104 -1.22 17.11 0.95
N SER A 105 -1.16 17.98 1.95
CA SER A 105 -0.57 19.30 1.77
C SER A 105 0.94 19.22 1.80
N PRO A 106 1.62 20.00 0.95
CA PRO A 106 3.08 20.04 0.93
C PRO A 106 3.69 20.46 2.27
N ALA A 107 2.90 21.10 3.13
CA ALA A 107 3.38 21.49 4.45
C ALA A 107 3.70 20.26 5.29
N ASP A 108 3.16 19.11 4.91
CA ASP A 108 3.38 17.90 5.69
C ASP A 108 4.40 16.97 5.05
N ILE A 109 5.20 17.53 4.17
CA ILE A 109 6.21 16.76 3.45
C ILE A 109 7.60 17.36 3.63
N CYS A 110 8.60 16.48 3.71
CA CYS A 110 10.00 16.88 3.73
C CYS A 110 10.77 16.10 2.69
N GLU A 111 11.94 16.61 2.30
CA GLU A 111 12.90 15.80 1.55
C GLU A 111 13.32 14.61 2.40
N LEU A 112 13.60 13.47 1.75
CA LEU A 112 14.00 12.27 2.47
C LEU A 112 15.50 12.23 2.73
N ARG A 113 15.90 12.10 3.99
CA ARG A 113 17.31 11.93 4.32
C ARG A 113 17.83 10.72 3.56
N THR A 114 18.96 10.94 2.87
CA THR A 114 19.49 10.00 1.87
CA THR A 114 19.48 10.01 1.87
C THR A 114 19.61 8.56 2.34
N ASP A 115 20.12 8.36 3.55
CA ASP A 115 20.34 7.00 4.05
C ASP A 115 19.03 6.23 4.29
N PHE A 116 17.91 6.93 4.38
CA PHE A 116 16.60 6.28 4.47
C PHE A 116 16.17 5.63 3.16
N LEU A 117 16.89 5.91 2.08
CA LEU A 117 16.54 5.29 0.79
C LEU A 117 17.03 3.85 0.64
N THR A 118 17.92 3.43 1.52
CA THR A 118 18.60 2.14 1.38
C THR A 118 17.64 0.95 1.31
N LEU A 119 16.74 0.85 2.29
CA LEU A 119 15.79 -0.25 2.35
C LEU A 119 14.94 -0.28 1.08
N ARG A 120 14.75 -1.46 0.50
CA ARG A 120 13.92 -1.56 -0.70
C ARG A 120 12.47 -1.24 -0.34
N PHE A 121 11.71 -0.74 -1.32
CA PHE A 121 10.32 -0.36 -1.06
C PHE A 121 9.55 -1.62 -0.67
N GLN A 122 8.84 -1.59 0.46
CA GLN A 122 8.38 -2.84 1.05
C GLN A 122 7.03 -3.35 0.55
N ALA A 123 6.19 -2.47 0.01
CA ALA A 123 4.85 -2.92 -0.38
C ALA A 123 4.84 -3.52 -1.77
N VAL A 124 4.27 -4.73 -1.87
CA VAL A 124 4.14 -5.43 -3.13
C VAL A 124 2.66 -5.53 -3.49
N GLU A 125 2.29 -4.94 -4.62
CA GLU A 125 0.90 -5.02 -5.10
C GLU A 125 0.61 -6.41 -5.62
N CYS A 126 -0.54 -6.96 -5.20
CA CYS A 126 -0.99 -8.31 -5.51
C CYS A 126 -2.46 -8.29 -5.88
N PHE A 127 -2.92 -9.40 -6.49
CA PHE A 127 -4.34 -9.68 -6.54
C PHE A 127 -4.58 -11.10 -5.98
N LEU A 128 -5.79 -11.33 -5.49
CA LEU A 128 -6.15 -12.65 -4.99
C LEU A 128 -6.47 -13.56 -6.18
N ALA A 129 -5.70 -14.64 -6.32
CA ALA A 129 -5.89 -15.57 -7.43
C ALA A 129 -7.24 -16.27 -7.37
N ASN A 130 -7.75 -16.60 -8.57
CA ASN A 130 -8.88 -17.51 -8.75
C ASN A 130 -10.23 -16.95 -8.28
N VAL A 131 -10.35 -15.64 -8.11
CA VAL A 131 -11.63 -15.02 -7.76
C VAL A 131 -12.04 -13.90 -8.71
N LYS A 132 -13.34 -13.63 -8.74
CA LYS A 132 -13.87 -12.45 -9.44
C LYS A 132 -15.09 -11.94 -8.70
N SER A 133 -15.46 -10.70 -8.97
CA SER A 133 -16.59 -10.08 -8.27
C SER A 133 -17.91 -10.81 -8.50
N THR A 134 -18.81 -10.71 -7.53
CA THR A 134 -20.15 -11.24 -7.68
C THR A 134 -20.98 -10.36 -8.61
N ILE A 135 -20.50 -9.14 -8.85
CA ILE A 135 -21.14 -8.23 -9.80
C ILE A 135 -20.59 -8.48 -11.18
N GLN A 136 -21.45 -8.76 -12.15
CA GLN A 136 -20.94 -9.16 -13.44
C GLN A 136 -21.28 -8.11 -14.50
N THR A 137 -21.90 -7.01 -14.06
CA THR A 137 -22.29 -5.91 -14.94
C THR A 137 -21.54 -4.63 -14.61
N ILE A 140 -15.25 -3.50 -14.06
CA ILE A 140 -15.25 -4.48 -12.97
C ILE A 140 -15.22 -3.79 -11.60
N THR A 141 -16.02 -4.31 -10.67
CA THR A 141 -16.21 -3.65 -9.38
C THR A 141 -16.62 -4.66 -8.29
N TRP A 142 -16.11 -4.46 -7.08
CA TRP A 142 -16.47 -5.30 -5.93
C TRP A 142 -17.52 -4.64 -5.06
N PRO A 143 -18.51 -5.42 -4.61
CA PRO A 143 -19.43 -4.94 -3.58
C PRO A 143 -18.66 -4.51 -2.34
N LYS A 144 -19.07 -3.43 -1.70
CA LYS A 144 -18.41 -2.98 -0.48
C LYS A 144 -18.33 -4.10 0.56
N SER A 145 -19.36 -4.94 0.62
CA SER A 145 -19.39 -6.06 1.57
C SER A 145 -18.27 -7.07 1.32
N SER A 146 -17.92 -7.26 0.04
CA SER A 146 -16.83 -8.16 -0.35
C SER A 146 -15.48 -7.59 0.06
N ILE A 147 -15.32 -6.28 -0.11
CA ILE A 147 -14.10 -5.59 0.28
C ILE A 147 -13.94 -5.66 1.78
N ALA A 148 -15.03 -5.42 2.50
CA ALA A 148 -15.03 -5.46 3.95
C ALA A 148 -14.68 -6.86 4.43
N LYS A 149 -15.27 -7.86 3.80
CA LYS A 149 -15.00 -9.25 4.15
C LYS A 149 -13.52 -9.57 3.95
N PHE A 150 -12.95 -9.14 2.82
CA PHE A 150 -11.53 -9.40 2.57
C PHE A 150 -10.62 -8.68 3.60
N GLU A 151 -10.99 -7.45 3.94
CA GLU A 151 -10.28 -6.69 4.96
C GLU A 151 -10.33 -7.41 6.29
N GLU A 152 -11.47 -8.04 6.56
CA GLU A 152 -11.67 -8.74 7.82
C GLU A 152 -10.83 -10.01 7.88
N LEU A 153 -10.88 -10.80 6.81
CA LEU A 153 -10.14 -12.05 6.76
C LEU A 153 -8.63 -11.80 6.78
N THR A 154 -8.19 -10.70 6.19
CA THR A 154 -6.74 -10.42 6.20
C THR A 154 -6.31 -9.65 7.43
N GLU A 155 -7.28 -9.06 8.13
CA GLU A 155 -7.04 -8.13 9.25
C GLU A 155 -6.00 -7.08 8.86
N VAL A 156 -6.21 -6.48 7.70
CA VAL A 156 -5.31 -5.48 7.14
C VAL A 156 -4.90 -4.40 8.16
N ALA A 157 -3.60 -4.14 8.22
CA ALA A 157 -2.97 -3.08 9.01
C ALA A 157 -2.99 -3.38 10.52
N HIS A 158 -3.28 -4.63 10.88
CA HIS A 158 -3.24 -5.05 12.28
C HIS A 158 -2.16 -6.11 12.54
N TRP A 159 -1.18 -6.17 11.64
CA TRP A 159 -0.01 -7.05 11.80
C TRP A 159 -0.36 -8.52 11.99
N ARG A 160 -1.33 -9.00 11.23
CA ARG A 160 -1.66 -10.41 11.24
C ARG A 160 -0.84 -11.14 10.20
N LYS A 161 0.01 -12.07 10.66
CA LYS A 161 0.74 -12.93 9.74
C LYS A 161 -0.17 -13.81 8.90
N LEU A 162 0.03 -13.76 7.59
CA LEU A 162 -0.62 -14.68 6.67
C LEU A 162 0.43 -15.44 5.87
N ILE A 163 0.02 -16.53 5.24
CA ILE A 163 0.90 -17.23 4.32
C ILE A 163 0.46 -16.98 2.89
N ALA A 164 1.36 -16.45 2.07
CA ALA A 164 1.04 -16.16 0.69
C ALA A 164 1.85 -17.04 -0.23
N ARG A 165 1.29 -17.36 -1.39
CA ARG A 165 2.04 -18.08 -2.39
C ARG A 165 1.67 -17.51 -3.75
N VAL A 166 2.67 -17.11 -4.52
CA VAL A 166 2.42 -16.67 -5.89
C VAL A 166 2.11 -17.87 -6.79
N VAL A 167 0.93 -17.86 -7.40
CA VAL A 167 0.51 -18.98 -8.23
C VAL A 167 0.19 -18.56 -9.64
N THR A 168 0.12 -17.25 -9.88
CA THR A 168 -0.12 -16.79 -11.25
C THR A 168 0.34 -15.35 -11.43
N TYR A 169 0.31 -14.87 -12.66
CA TYR A 169 0.64 -13.47 -12.94
C TYR A 169 -0.36 -12.94 -13.94
N LYS A 170 -0.64 -11.64 -13.91
CA LYS A 170 -1.39 -11.04 -15.00
C LYS A 170 -0.86 -9.66 -15.33
N GLU A 171 -1.13 -9.18 -16.54
CA GLU A 171 -0.61 -7.87 -16.92
C GLU A 171 -1.37 -6.79 -16.17
N ARG A 172 -0.68 -5.70 -15.87
CA ARG A 172 -1.32 -4.56 -15.25
C ARG A 172 -2.32 -3.94 -16.21
N PRO A 173 -3.51 -3.59 -15.69
CA PRO A 173 -4.47 -2.84 -16.52
C PRO A 173 -3.88 -1.52 -16.96
N ARG A 174 -4.33 -1.01 -18.09
CA ARG A 174 -3.87 0.30 -18.55
C ARG A 174 -4.33 1.34 -17.52
N ALA A 175 -3.45 2.27 -17.17
CA ALA A 175 -3.78 3.24 -16.12
C ALA A 175 -4.82 4.26 -16.59
N THR A 176 -5.77 4.55 -15.70
CA THR A 176 -6.76 5.60 -15.93
C THR A 176 -6.49 6.82 -15.05
N THR A 177 -5.51 6.69 -14.18
CA THR A 177 -5.12 7.74 -13.26
C THR A 177 -3.61 7.88 -13.25
N ALA A 178 -3.09 8.91 -12.59
CA ALA A 178 -1.65 8.96 -12.37
C ALA A 178 -1.28 7.79 -11.47
N VAL A 179 -0.16 7.11 -11.76
CA VAL A 179 0.29 5.98 -10.96
C VAL A 179 1.77 6.05 -10.65
N SER A 180 2.19 5.19 -9.73
CA SER A 180 3.58 5.09 -9.29
C SER A 180 4.50 4.72 -10.46
N ALA A 181 5.76 5.15 -10.38
CA ALA A 181 6.76 4.81 -11.39
C ALA A 181 6.92 3.30 -11.56
N ALA A 182 6.82 2.57 -10.46
CA ALA A 182 6.98 1.12 -10.51
C ALA A 182 5.84 0.48 -11.28
N ALA A 183 4.65 1.05 -11.18
CA ALA A 183 3.48 0.54 -11.90
C ALA A 183 3.57 0.84 -13.40
N LYS A 184 4.67 1.48 -13.82
CA LYS A 184 4.86 1.80 -15.23
C LYS A 184 6.06 1.10 -15.85
N GLU A 185 6.53 0.04 -15.20
CA GLU A 185 7.76 -0.63 -15.66
C GLU A 185 7.51 -1.90 -16.49
N GLY A 186 6.26 -2.29 -16.65
CA GLY A 186 5.94 -3.49 -17.41
C GLY A 186 5.89 -4.74 -16.55
N THR A 187 6.17 -4.59 -15.25
CA THR A 187 6.13 -5.74 -14.36
C THR A 187 4.69 -6.23 -14.26
N PRO A 188 4.50 -7.55 -14.36
CA PRO A 188 3.19 -8.16 -14.12
C PRO A 188 2.79 -8.06 -12.65
N LEU A 189 1.50 -8.23 -12.40
CA LEU A 189 0.96 -8.34 -11.05
C LEU A 189 0.94 -9.80 -10.60
N PRO A 190 1.45 -10.06 -9.40
CA PRO A 190 1.38 -11.42 -8.85
C PRO A 190 0.00 -11.71 -8.29
N GLY A 191 -0.50 -12.89 -8.63
CA GLY A 191 -1.76 -13.39 -8.11
C GLY A 191 -1.39 -14.45 -7.11
N VAL A 192 -1.94 -14.29 -5.90
CA VAL A 192 -1.53 -15.10 -4.76
C VAL A 192 -2.66 -15.89 -4.15
N GLU A 193 -2.29 -17.04 -3.56
CA GLU A 193 -3.14 -17.69 -2.56
C GLU A 193 -2.78 -17.07 -1.22
N LEU A 194 -3.78 -16.90 -0.36
CA LEU A 194 -3.56 -16.35 0.96
C LEU A 194 -4.28 -17.22 1.97
N PHE A 195 -3.61 -17.58 3.05
CA PHE A 195 -4.37 -18.20 4.14
C PHE A 195 -3.86 -17.77 5.50
N ASP A 196 -4.75 -17.87 6.48
CA ASP A 196 -4.48 -17.50 7.85
C ASP A 196 -4.15 -18.76 8.63
N PRO A 197 -2.89 -18.91 9.06
CA PRO A 197 -2.53 -20.17 9.71
C PRO A 197 -3.18 -20.29 11.09
N ALA A 198 -3.73 -19.17 11.57
CA ALA A 198 -4.30 -19.14 12.91
C ALA A 198 -5.80 -19.35 12.91
N ASP A 199 -6.46 -19.22 11.76
CA ASP A 199 -7.88 -19.51 11.76
C ASP A 199 -7.98 -21.01 11.60
N ASN A 200 -9.06 -21.57 12.13
CA ASN A 200 -9.20 -23.01 12.24
C ASN A 200 -9.74 -23.64 10.96
N SER A 201 -9.87 -22.84 9.91
CA SER A 201 -10.40 -23.36 8.65
C SER A 201 -9.32 -23.95 7.77
N GLU A 202 -9.65 -25.03 7.06
CA GLU A 202 -8.75 -25.58 6.07
C GLU A 202 -8.83 -24.78 4.77
N LEU A 203 -9.87 -23.96 4.67
CA LEU A 203 -10.05 -23.15 3.46
C LEU A 203 -9.16 -21.92 3.49
N ASN A 204 -8.54 -21.59 2.36
CA ASN A 204 -7.81 -20.34 2.28
C ASN A 204 -8.76 -19.17 1.98
N ILE A 205 -8.24 -17.97 1.87
CA ILE A 205 -9.10 -16.79 1.87
C ILE A 205 -9.97 -16.70 0.60
N ALA A 206 -9.41 -17.11 -0.55
CA ALA A 206 -10.21 -17.17 -1.78
C ALA A 206 -11.40 -18.10 -1.62
N ASP A 207 -11.12 -19.30 -1.10
CA ASP A 207 -12.16 -20.32 -0.98
C ASP A 207 -13.19 -19.93 0.07
N LEU A 208 -12.74 -19.28 1.13
CA LEU A 208 -13.65 -18.72 2.13
C LEU A 208 -14.59 -17.70 1.53
N MET A 209 -14.04 -16.74 0.78
CA MET A 209 -14.86 -15.73 0.14
C MET A 209 -15.86 -16.35 -0.85
N ILE A 210 -15.40 -17.31 -1.65
CA ILE A 210 -16.30 -17.93 -2.61
C ILE A 210 -17.43 -18.68 -1.90
N THR A 211 -17.10 -19.47 -0.87
CA THR A 211 -18.12 -20.31 -0.22
C THR A 211 -19.01 -19.57 0.77
N GLN A 212 -18.80 -18.27 0.93
CA GLN A 212 -19.71 -17.49 1.75
C GLN A 212 -20.39 -16.43 0.90
N GLY A 213 -20.24 -16.56 -0.42
CA GLY A 213 -20.95 -15.73 -1.37
C GLY A 213 -20.38 -14.34 -1.59
N PHE A 214 -19.10 -14.17 -1.28
CA PHE A 214 -18.47 -12.86 -1.40
C PHE A 214 -17.69 -12.73 -2.71
N ALA A 215 -17.53 -13.85 -3.40
CA ALA A 215 -16.77 -13.89 -4.64
C ALA A 215 -17.22 -15.06 -5.51
N LEU A 216 -16.87 -15.02 -6.78
CA LEU A 216 -17.12 -16.13 -7.68
C LEU A 216 -15.81 -16.72 -8.17
N PRO A 217 -15.78 -18.03 -8.43
CA PRO A 217 -14.59 -18.69 -8.97
C PRO A 217 -14.26 -18.21 -10.38
N LEU A 218 -13.00 -18.26 -10.76
CA LEU A 218 -12.61 -17.93 -12.13
C LEU A 218 -12.73 -19.17 -13.02
N ASP B 1 -12.93 4.48 -7.25
CA ASP B 1 -12.89 3.49 -8.31
C ASP B 1 -12.16 2.23 -7.87
N GLN B 2 -11.98 2.10 -6.56
CA GLN B 2 -11.41 0.92 -5.94
C GLN B 2 -9.97 0.67 -6.39
N GLY B 3 -9.26 1.75 -6.73
CA GLY B 3 -7.88 1.66 -7.15
C GLY B 3 -6.88 2.20 -6.14
N ARG B 4 -7.36 3.00 -5.17
CA ARG B 4 -6.49 3.56 -4.15
C ARG B 4 -6.48 2.71 -2.89
N GLY B 5 -5.29 2.29 -2.48
CA GLY B 5 -5.16 1.52 -1.27
C GLY B 5 -5.45 2.30 0.00
N ARG B 6 -6.01 1.62 0.98
CA ARG B 6 -6.33 2.23 2.26
C ARG B 6 -5.71 1.43 3.41
N ARG B 7 -5.14 2.18 4.35
CA ARG B 7 -4.48 1.70 5.56
C ARG B 7 -5.12 2.41 6.76
N ARG B 8 -5.70 1.66 7.70
CA ARG B 8 -6.19 2.32 8.91
C ARG B 8 -5.93 1.52 10.19
N PRO B 9 -4.76 1.77 10.80
CA PRO B 9 -4.34 1.11 12.05
C PRO B 9 -5.15 1.56 13.26
#